data_6NE5
#
_entry.id   6NE5
#
_cell.length_a   39.332
_cell.length_b   135.942
_cell.length_c   60.051
_cell.angle_alpha   90.00
_cell.angle_beta   95.95
_cell.angle_gamma   90.00
#
_symmetry.space_group_name_H-M   'P 1 21 1'
#
loop_
_entity.id
_entity.type
_entity.pdbx_description
1 polymer 'Induced myeloid leukemia cell differentiation protein Mcl-1'
2 non-polymer '3-[(4R)-7-chloro-10-[3-(4-chloro-3,5-dimethylphenoxy)propyl]-4-methyl-1-oxo-6-(1,3,5-trimethyl-1H-pyrazol-4-yl)-3,4-dihydropyrazino[1,2-a]indol-2(1H)-yl]-1-methyl-1H-indole-5-carboxylic acid'
3 water water
#
_entity_poly.entity_id   1
_entity_poly.type   'polypeptide(L)'
_entity_poly.pdbx_seq_one_letter_code
;GADELYRQSLEIISRYLREQATGAKDTKPMGRSGATSRKALETLRRVGDGVQRNHETAFQGMLRKLDIKNEDDVKSLSRV
MIHVFSDGVTNWGRIVTLISFGAFVAKHLKTINQESCIEPLAESITDVLVRTKRDWLVKQRGWDGFVEFFHVEDLEGGI
;
_entity_poly.pdbx_strand_id   A,B,C,D
#
# COMPACT_ATOMS: atom_id res chain seq x y z
N ASP A 3 -9.41 22.12 5.19
CA ASP A 3 -8.61 22.65 4.09
C ASP A 3 -9.35 22.52 2.80
N GLU A 4 -9.98 23.60 2.42
CA GLU A 4 -10.77 23.65 1.24
C GLU A 4 -9.99 23.52 -0.06
N LEU A 5 -8.79 24.03 -0.12
CA LEU A 5 -8.00 23.94 -1.33
C LEU A 5 -7.72 22.47 -1.62
N TYR A 6 -7.41 21.75 -0.58
CA TYR A 6 -7.14 20.33 -0.71
C TYR A 6 -8.39 19.63 -1.20
N ARG A 7 -9.50 19.92 -0.57
CA ARG A 7 -10.72 19.29 -0.91
C ARG A 7 -11.09 19.51 -2.36
N GLN A 8 -11.03 20.75 -2.81
CA GLN A 8 -11.35 21.06 -4.20
C GLN A 8 -10.35 20.44 -5.18
N SER A 9 -9.04 20.58 -4.90
CA SER A 9 -8.04 19.93 -5.74
C SER A 9 -8.28 18.44 -5.86
N LEU A 10 -8.57 17.77 -4.75
CA LEU A 10 -8.79 16.33 -4.78
C LEU A 10 -10.02 15.98 -5.60
N GLU A 11 -11.11 16.74 -5.43
CA GLU A 11 -12.29 16.47 -6.25
C GLU A 11 -11.95 16.52 -7.74
N ILE A 12 -11.28 17.60 -8.16
CA ILE A 12 -10.93 17.77 -9.57
C ILE A 12 -10.00 16.65 -10.06
N ILE A 13 -8.92 16.39 -9.31
CA ILE A 13 -7.89 15.45 -9.75
C ILE A 13 -8.43 14.02 -9.73
N SER A 14 -9.12 13.64 -8.66
CA SER A 14 -9.77 12.33 -8.59
C SER A 14 -10.72 12.12 -9.76
N ARG A 15 -11.57 13.12 -10.06
CA ARG A 15 -12.50 12.96 -11.17
C ARG A 15 -11.77 12.80 -12.49
N TYR A 16 -10.73 13.62 -12.74
CA TYR A 16 -10.04 13.52 -14.02
C TYR A 16 -9.34 12.16 -14.16
N LEU A 17 -8.72 11.67 -13.10
CA LEU A 17 -8.03 10.38 -13.20
C LEU A 17 -9.03 9.24 -13.42
N ARG A 18 -10.15 9.24 -12.69
CA ARG A 18 -11.14 8.18 -12.88
C ARG A 18 -11.71 8.21 -14.29
N GLU A 19 -12.07 9.41 -14.77
CA GLU A 19 -12.55 9.56 -16.14
C GLU A 19 -11.56 9.01 -17.14
N GLN A 20 -10.29 9.36 -16.97
CA GLN A 20 -9.27 8.91 -17.91
C GLN A 20 -9.12 7.40 -17.87
N ALA A 21 -9.21 6.80 -16.68
CA ALA A 21 -9.01 5.36 -16.58
C ALA A 21 -10.19 4.59 -17.15
N THR A 22 -11.42 5.03 -16.86
CA THR A 22 -12.61 4.26 -17.24
C THR A 22 -13.21 4.69 -18.57
N GLY A 23 -12.87 5.88 -19.06
CA GLY A 23 -13.44 6.39 -20.30
C GLY A 23 -14.84 6.93 -20.17
N ALA A 24 -15.36 7.12 -18.96
CA ALA A 24 -16.71 7.59 -18.74
C ALA A 24 -16.67 8.86 -17.90
N LYS A 25 -17.37 9.90 -18.37
CA LYS A 25 -17.53 11.13 -17.60
C LYS A 25 -18.55 10.91 -16.49
N ASP A 26 -18.28 11.48 -15.32
CA ASP A 26 -19.17 11.39 -14.18
C ASP A 26 -20.21 12.50 -14.23
N THR A 27 -21.49 12.11 -14.13
CA THR A 27 -22.60 13.06 -14.26
C THR A 27 -22.90 13.79 -12.96
N LYS A 28 -22.40 13.30 -11.83
CA LYS A 28 -22.69 13.92 -10.54
C LYS A 28 -22.20 15.36 -10.50
N PRO A 29 -22.90 16.24 -9.79
CA PRO A 29 -22.38 17.58 -9.54
C PRO A 29 -21.15 17.54 -8.63
N MET A 30 -20.44 18.66 -8.62
CA MET A 30 -19.30 18.82 -7.73
C MET A 30 -19.78 19.39 -6.39
N GLY A 31 -18.86 19.42 -5.43
CA GLY A 31 -19.16 20.02 -4.14
C GLY A 31 -19.14 21.53 -4.19
N ARG A 32 -18.66 22.19 -3.15
CA ARG A 32 -18.61 23.65 -3.23
C ARG A 32 -17.46 24.10 -4.14
N SER A 33 -17.57 25.35 -4.61
CA SER A 33 -16.78 25.86 -5.73
C SER A 33 -16.91 24.94 -6.94
N GLY A 34 -18.11 24.37 -7.09
CA GLY A 34 -18.35 23.39 -8.14
C GLY A 34 -18.38 23.96 -9.54
N ALA A 35 -18.80 25.22 -9.70
CA ALA A 35 -18.78 25.82 -11.04
C ALA A 35 -17.35 25.93 -11.56
N THR A 36 -16.45 26.45 -10.72
CA THR A 36 -15.03 26.48 -11.05
C THR A 36 -14.46 25.08 -11.21
N SER A 37 -14.82 24.16 -10.31
CA SER A 37 -14.26 22.81 -10.44
C SER A 37 -14.68 22.14 -11.73
N ARG A 38 -15.95 22.30 -12.13
CA ARG A 38 -16.41 21.73 -13.39
C ARG A 38 -15.63 22.31 -14.56
N LYS A 39 -15.46 23.64 -14.57
CA LYS A 39 -14.68 24.24 -15.66
C LYS A 39 -13.22 23.78 -15.64
N ALA A 40 -12.67 23.53 -14.45
CA ALA A 40 -11.29 23.06 -14.33
C ALA A 40 -11.15 21.64 -14.86
N LEU A 41 -12.16 20.80 -14.62
CA LEU A 41 -12.17 19.45 -15.18
C LEU A 41 -12.27 19.48 -16.71
N GLU A 42 -13.12 20.36 -17.26
CA GLU A 42 -13.21 20.49 -18.72
C GLU A 42 -11.87 20.93 -19.30
N THR A 43 -11.22 21.89 -18.63
CA THR A 43 -9.90 22.34 -19.03
C THR A 43 -8.88 21.21 -18.99
N LEU A 44 -8.92 20.39 -17.92
CA LEU A 44 -8.00 19.26 -17.82
C LEU A 44 -8.20 18.29 -18.96
N ARG A 45 -9.46 18.00 -19.32
CA ARG A 45 -9.71 17.16 -20.48
C ARG A 45 -8.87 17.66 -21.66
N ARG A 46 -9.15 18.89 -22.12
CA ARG A 46 -8.42 19.40 -23.28
C ARG A 46 -6.89 19.35 -23.08
N VAL A 47 -6.41 20.06 -22.06
CA VAL A 47 -4.97 20.31 -21.93
C VAL A 47 -4.22 19.02 -21.59
N GLY A 48 -4.73 18.24 -20.63
CA GLY A 48 -4.05 17.04 -20.19
C GLY A 48 -4.01 15.93 -21.22
N ASP A 49 -5.07 15.80 -22.04
CA ASP A 49 -4.93 14.88 -23.17
C ASP A 49 -3.80 15.33 -24.09
N GLY A 50 -3.72 16.64 -24.35
CA GLY A 50 -2.59 17.14 -25.15
C GLY A 50 -1.24 16.81 -24.54
N VAL A 51 -1.09 17.05 -23.24
CA VAL A 51 0.18 16.81 -22.56
C VAL A 51 0.58 15.34 -22.63
N GLN A 52 -0.39 14.45 -22.40
CA GLN A 52 -0.09 13.02 -22.43
C GLN A 52 0.35 12.59 -23.82
N ARG A 53 -0.27 13.15 -24.85
CA ARG A 53 0.18 12.84 -26.20
C ARG A 53 1.61 13.33 -26.45
N ASN A 54 1.91 14.57 -26.02
CA ASN A 54 3.20 15.16 -26.36
C ASN A 54 4.36 14.48 -25.65
N HIS A 55 4.14 13.96 -24.44
CA HIS A 55 5.21 13.41 -23.62
C HIS A 55 5.14 11.88 -23.52
N GLU A 56 4.56 11.22 -24.52
CA GLU A 56 4.30 9.78 -24.38
C GLU A 56 5.58 9.00 -24.11
N THR A 57 6.70 9.39 -24.71
CA THR A 57 7.92 8.59 -24.55
C THR A 57 8.46 8.70 -23.13
N ALA A 58 8.57 9.93 -22.61
CA ALA A 58 9.05 10.11 -21.24
C ALA A 58 8.08 9.49 -20.24
N PHE A 59 6.78 9.69 -20.46
CA PHE A 59 5.77 9.10 -19.60
C PHE A 59 5.91 7.57 -19.56
N GLN A 60 6.10 6.96 -20.73
CA GLN A 60 6.31 5.51 -20.81
C GLN A 60 7.52 5.08 -20.02
N GLY A 61 8.65 5.75 -20.23
CA GLY A 61 9.88 5.34 -19.55
C GLY A 61 9.76 5.48 -18.05
N MET A 62 9.13 6.57 -17.60
CA MET A 62 8.91 6.74 -16.17
C MET A 62 8.05 5.61 -15.63
N LEU A 63 6.91 5.35 -16.29
CA LEU A 63 6.00 4.33 -15.79
C LEU A 63 6.68 2.98 -15.73
N ARG A 64 7.48 2.70 -16.76
CA ARG A 64 8.24 1.45 -16.83
C ARG A 64 9.21 1.31 -15.66
N LYS A 65 9.97 2.37 -15.36
CA LYS A 65 10.93 2.29 -14.26
C LYS A 65 10.22 2.28 -12.91
N LEU A 66 8.97 2.74 -12.87
CA LEU A 66 8.23 2.78 -11.60
C LEU A 66 7.76 1.39 -11.17
N ASP A 67 7.48 0.51 -12.13
CA ASP A 67 7.14 -0.90 -11.87
C ASP A 67 5.95 -1.01 -10.90
N ILE A 68 4.85 -0.39 -11.29
CA ILE A 68 3.66 -0.29 -10.43
C ILE A 68 2.78 -1.52 -10.66
N LYS A 69 2.58 -2.30 -9.59
CA LYS A 69 1.77 -3.51 -9.66
C LYS A 69 0.71 -3.61 -8.58
N ASN A 70 0.79 -2.86 -7.48
CA ASN A 70 -0.16 -3.06 -6.38
C ASN A 70 -0.19 -1.81 -5.51
N GLU A 71 -0.82 -1.94 -4.33
CA GLU A 71 -1.15 -0.79 -3.50
C GLU A 71 0.10 -0.20 -2.83
N ASP A 72 1.05 -1.04 -2.42
CA ASP A 72 2.24 -0.49 -1.78
C ASP A 72 3.16 0.18 -2.80
N ASP A 73 3.24 -0.36 -4.01
CA ASP A 73 3.94 0.34 -5.08
C ASP A 73 3.39 1.75 -5.25
N VAL A 74 2.05 1.88 -5.28
CA VAL A 74 1.42 3.19 -5.36
C VAL A 74 1.80 4.04 -4.15
N LYS A 75 1.72 3.45 -2.95
CA LYS A 75 2.04 4.18 -1.73
C LYS A 75 3.47 4.73 -1.73
N SER A 76 4.38 4.11 -2.47
CA SER A 76 5.76 4.57 -2.51
C SER A 76 6.03 5.67 -3.54
N LEU A 77 5.04 6.11 -4.31
CA LEU A 77 5.32 7.05 -5.39
C LEU A 77 5.42 8.50 -4.95
N SER A 78 4.95 8.82 -3.73
CA SER A 78 4.94 10.21 -3.27
C SER A 78 6.35 10.80 -3.22
N ARG A 79 7.35 9.99 -2.86
CA ARG A 79 8.70 10.53 -2.72
C ARG A 79 9.32 10.85 -4.08
N VAL A 80 9.08 10.02 -5.10
CA VAL A 80 9.51 10.34 -6.46
C VAL A 80 8.77 11.57 -6.97
N MET A 81 7.45 11.60 -6.77
CA MET A 81 6.65 12.74 -7.17
C MET A 81 7.22 14.04 -6.60
N ILE A 82 7.50 14.03 -5.30
CA ILE A 82 8.06 15.21 -4.62
C ILE A 82 9.41 15.58 -5.22
N HIS A 83 10.30 14.60 -5.38
CA HIS A 83 11.61 14.92 -5.95
C HIS A 83 11.48 15.58 -7.31
N VAL A 84 10.64 15.03 -8.19
CA VAL A 84 10.55 15.54 -9.55
C VAL A 84 9.82 16.89 -9.59
N PHE A 85 8.93 17.16 -8.62
CA PHE A 85 8.02 18.31 -8.66
C PHE A 85 8.43 19.47 -7.75
N SER A 86 9.32 19.25 -6.78
CA SER A 86 9.49 20.18 -5.67
C SER A 86 10.19 21.47 -6.05
N ASP A 87 11.36 21.37 -6.67
CA ASP A 87 12.26 22.51 -6.79
C ASP A 87 12.17 23.18 -8.16
N GLY A 88 12.74 24.38 -8.24
CA GLY A 88 12.81 25.08 -9.49
C GLY A 88 11.54 25.87 -9.80
N VAL A 89 11.39 26.20 -11.08
CA VAL A 89 10.30 27.06 -11.52
C VAL A 89 8.96 26.37 -11.33
N THR A 90 7.98 27.15 -10.86
CA THR A 90 6.60 26.70 -10.76
C THR A 90 5.75 27.46 -11.76
N ASN A 91 4.98 26.74 -12.56
CA ASN A 91 4.01 27.36 -13.46
C ASN A 91 2.85 26.40 -13.65
N TRP A 92 1.79 26.90 -14.29
CA TRP A 92 0.61 26.07 -14.51
C TRP A 92 0.91 24.87 -15.40
N GLY A 93 1.85 25.02 -16.34
CA GLY A 93 2.17 23.91 -17.22
C GLY A 93 2.74 22.72 -16.46
N ARG A 94 3.62 22.99 -15.50
CA ARG A 94 4.20 21.93 -14.69
C ARG A 94 3.15 21.25 -13.82
N ILE A 95 2.20 22.03 -13.31
CA ILE A 95 1.11 21.45 -12.52
C ILE A 95 0.25 20.55 -13.39
N VAL A 96 -0.02 20.98 -14.62
CA VAL A 96 -0.76 20.14 -15.56
C VAL A 96 0.03 18.89 -15.90
N THR A 97 1.36 18.97 -15.96
CA THR A 97 2.16 17.78 -16.25
C THR A 97 2.06 16.77 -15.11
N LEU A 98 2.13 17.25 -13.86
CA LEU A 98 1.91 16.38 -12.70
C LEU A 98 0.59 15.63 -12.83
N ILE A 99 -0.48 16.36 -13.11
CA ILE A 99 -1.80 15.73 -13.15
C ILE A 99 -1.94 14.82 -14.38
N SER A 100 -1.37 15.24 -15.50
CA SER A 100 -1.42 14.44 -16.72
C SER A 100 -0.72 13.10 -16.53
N PHE A 101 0.46 13.11 -15.92
CA PHE A 101 1.11 11.84 -15.65
C PHE A 101 0.31 11.00 -14.65
N GLY A 102 -0.34 11.66 -13.68
CA GLY A 102 -1.33 10.94 -12.87
C GLY A 102 -2.35 10.19 -13.69
N ALA A 103 -2.90 10.86 -14.70
CA ALA A 103 -3.88 10.22 -15.58
C ALA A 103 -3.27 9.04 -16.31
N PHE A 104 -2.05 9.21 -16.80
CA PHE A 104 -1.33 8.13 -17.50
C PHE A 104 -1.19 6.90 -16.61
N VAL A 105 -0.80 7.13 -15.35
CA VAL A 105 -0.67 6.04 -14.38
C VAL A 105 -2.03 5.42 -14.08
N ALA A 106 -3.07 6.25 -13.96
CA ALA A 106 -4.41 5.73 -13.69
C ALA A 106 -4.87 4.78 -14.80
N LYS A 107 -4.60 5.15 -16.05
CA LYS A 107 -4.97 4.25 -17.14
C LYS A 107 -4.19 2.95 -17.08
N HIS A 108 -2.90 3.04 -16.76
CA HIS A 108 -2.15 1.80 -16.53
C HIS A 108 -2.79 0.96 -15.42
N LEU A 109 -3.11 1.59 -14.28
CA LEU A 109 -3.67 0.88 -13.14
C LEU A 109 -4.96 0.16 -13.52
N LYS A 110 -5.77 0.79 -14.36
CA LYS A 110 -6.96 0.10 -14.87
C LYS A 110 -6.56 -1.08 -15.75
N THR A 111 -5.53 -0.90 -16.59
CA THR A 111 -5.12 -1.98 -17.49
C THR A 111 -4.67 -3.22 -16.72
N ILE A 112 -4.10 -3.06 -15.54
CA ILE A 112 -3.62 -4.20 -14.77
C ILE A 112 -4.58 -4.55 -13.62
N ASN A 113 -5.85 -4.17 -13.73
CA ASN A 113 -6.89 -4.63 -12.81
C ASN A 113 -6.61 -4.15 -11.38
N GLN A 114 -6.04 -2.96 -11.28
CA GLN A 114 -5.73 -2.32 -10.01
C GLN A 114 -6.46 -0.98 -9.90
N GLU A 115 -7.69 -0.93 -10.43
CA GLU A 115 -8.44 0.33 -10.41
C GLU A 115 -8.65 0.85 -8.99
N SER A 116 -8.68 -0.03 -7.99
CA SER A 116 -8.87 0.40 -6.61
C SER A 116 -7.75 1.30 -6.10
N CYS A 117 -6.60 1.32 -6.77
CA CYS A 117 -5.51 2.22 -6.39
C CYS A 117 -5.65 3.62 -6.95
N ILE A 118 -6.67 3.92 -7.75
CA ILE A 118 -6.70 5.23 -8.39
C ILE A 118 -7.03 6.32 -7.38
N GLU A 119 -7.94 6.06 -6.44
CA GLU A 119 -8.22 7.08 -5.44
C GLU A 119 -7.00 7.39 -4.55
N PRO A 120 -6.25 6.39 -4.02
CA PRO A 120 -5.03 6.74 -3.28
C PRO A 120 -4.00 7.49 -4.11
N LEU A 121 -3.84 7.12 -5.39
CA LEU A 121 -2.99 7.87 -6.31
C LEU A 121 -3.42 9.35 -6.37
N ALA A 122 -4.70 9.59 -6.68
CA ALA A 122 -5.25 10.95 -6.63
C ALA A 122 -4.91 11.62 -5.31
N GLU A 123 -5.13 10.92 -4.19
CA GLU A 123 -4.88 11.55 -2.91
C GLU A 123 -3.41 11.93 -2.79
N SER A 124 -2.53 11.03 -3.21
CA SER A 124 -1.11 11.31 -3.14
C SER A 124 -0.78 12.52 -3.99
N ILE A 125 -1.32 12.57 -5.22
CA ILE A 125 -1.01 13.70 -6.10
C ILE A 125 -1.47 14.99 -5.45
N THR A 126 -2.70 14.98 -4.92
CA THR A 126 -3.23 16.21 -4.35
C THR A 126 -2.40 16.64 -3.16
N ASP A 127 -2.01 15.68 -2.33
CA ASP A 127 -1.23 16.04 -1.16
C ASP A 127 0.06 16.73 -1.59
N VAL A 128 0.74 16.13 -2.58
CA VAL A 128 2.00 16.70 -3.02
C VAL A 128 1.76 18.06 -3.66
N LEU A 129 0.65 18.20 -4.40
CA LEU A 129 0.39 19.50 -5.03
C LEU A 129 0.21 20.57 -3.97
N VAL A 130 -0.54 20.26 -2.92
CA VAL A 130 -0.92 21.33 -2.01
C VAL A 130 0.19 21.60 -1.00
N ARG A 131 0.94 20.56 -0.59
CA ARG A 131 1.99 20.76 0.38
C ARG A 131 3.18 21.51 -0.21
N THR A 132 3.42 21.37 -1.51
CA THR A 132 4.59 21.99 -2.11
C THR A 132 4.29 23.34 -2.78
N LYS A 133 3.05 23.59 -3.21
CA LYS A 133 2.75 24.79 -3.99
C LYS A 133 1.69 25.69 -3.37
N ARG A 134 1.31 25.47 -2.11
CA ARG A 134 0.23 26.21 -1.46
C ARG A 134 0.32 27.71 -1.73
N ASP A 135 1.40 28.35 -1.25
CA ASP A 135 1.55 29.79 -1.42
C ASP A 135 1.36 30.20 -2.87
N TRP A 136 2.06 29.51 -3.79
CA TRP A 136 1.97 29.86 -5.21
C TRP A 136 0.54 29.77 -5.69
N LEU A 137 -0.14 28.66 -5.36
CA LEU A 137 -1.51 28.49 -5.82
C LEU A 137 -2.39 29.61 -5.28
N VAL A 138 -2.17 30.03 -4.03
CA VAL A 138 -3.03 31.07 -3.48
C VAL A 138 -2.78 32.38 -4.22
N LYS A 139 -1.52 32.65 -4.56
CA LYS A 139 -1.21 33.90 -5.25
C LYS A 139 -1.79 33.94 -6.65
N GLN A 140 -1.86 32.78 -7.30
CA GLN A 140 -2.43 32.64 -8.63
C GLN A 140 -3.93 32.39 -8.61
N ARG A 141 -4.58 32.58 -7.46
CA ARG A 141 -6.03 32.51 -7.33
C ARG A 141 -6.56 31.10 -7.58
N GLY A 142 -5.75 30.09 -7.28
CA GLY A 142 -6.20 28.71 -7.26
C GLY A 142 -6.78 28.23 -8.57
N TRP A 143 -7.86 27.44 -8.46
CA TRP A 143 -8.45 26.83 -9.65
C TRP A 143 -9.11 27.87 -10.54
N ASP A 144 -9.57 28.98 -9.97
CA ASP A 144 -10.03 30.10 -10.80
C ASP A 144 -8.90 30.58 -11.71
N GLY A 145 -7.70 30.76 -11.14
CA GLY A 145 -6.57 31.19 -11.94
C GLY A 145 -6.20 30.17 -12.99
N PHE A 146 -6.23 28.88 -12.61
CA PHE A 146 -6.01 27.80 -13.58
C PHE A 146 -6.98 27.88 -14.74
N VAL A 147 -8.27 28.05 -14.43
CA VAL A 147 -9.29 28.10 -15.48
C VAL A 147 -9.05 29.28 -16.39
N GLU A 148 -8.72 30.45 -15.82
CA GLU A 148 -8.54 31.63 -16.63
C GLU A 148 -7.26 31.58 -17.44
N PHE A 149 -6.22 30.93 -16.90
CA PHE A 149 -4.94 30.78 -17.60
C PHE A 149 -5.10 30.01 -18.89
N PHE A 150 -5.87 28.93 -18.85
CA PHE A 150 -6.08 28.08 -20.02
C PHE A 150 -7.36 28.40 -20.78
N HIS A 151 -7.99 29.54 -20.49
CA HIS A 151 -9.27 29.84 -21.12
C HIS A 151 -9.11 30.12 -22.60
N VAL A 152 -9.93 29.45 -23.41
CA VAL A 152 -10.08 29.75 -24.83
C VAL A 152 -11.54 30.06 -25.06
N GLU A 153 -11.82 31.29 -25.51
CA GLU A 153 -13.20 31.75 -25.65
C GLU A 153 -13.99 30.93 -26.66
N ASP B 3 24.15 -15.04 -7.24
CA ASP B 3 24.66 -13.74 -7.67
C ASP B 3 25.88 -13.19 -6.92
N GLU B 4 27.04 -13.54 -7.43
CA GLU B 4 28.26 -13.15 -6.83
C GLU B 4 28.49 -11.61 -6.80
N LEU B 5 28.14 -10.93 -7.89
CA LEU B 5 28.29 -9.51 -7.97
C LEU B 5 27.48 -8.83 -6.86
N TYR B 6 26.25 -9.26 -6.68
CA TYR B 6 25.43 -8.73 -5.63
C TYR B 6 26.04 -8.98 -4.26
N ARG B 7 26.54 -10.19 -4.04
CA ARG B 7 27.08 -10.54 -2.72
C ARG B 7 28.26 -9.65 -2.36
N GLN B 8 29.23 -9.54 -3.27
CA GLN B 8 30.40 -8.71 -3.01
C GLN B 8 29.99 -7.24 -2.88
N SER B 9 29.11 -6.77 -3.75
CA SER B 9 28.66 -5.39 -3.71
C SER B 9 28.04 -5.06 -2.38
N LEU B 10 27.20 -5.98 -1.86
CA LEU B 10 26.54 -5.75 -0.58
C LEU B 10 27.54 -5.78 0.56
N GLU B 11 28.52 -6.69 0.50
CA GLU B 11 29.57 -6.71 1.51
C GLU B 11 30.23 -5.33 1.65
N ILE B 12 30.62 -4.76 0.51
CA ILE B 12 31.29 -3.45 0.50
C ILE B 12 30.35 -2.34 0.99
N ILE B 13 29.15 -2.26 0.39
CA ILE B 13 28.27 -1.12 0.68
C ILE B 13 27.75 -1.18 2.12
N SER B 14 27.33 -2.37 2.58
CA SER B 14 26.86 -2.54 3.95
C SER B 14 27.94 -2.17 4.97
N ARG B 15 29.18 -2.62 4.73
CA ARG B 15 30.24 -2.24 5.64
C ARG B 15 30.49 -0.73 5.64
N TYR B 16 30.50 -0.11 4.46
CA TYR B 16 30.77 1.34 4.43
C TYR B 16 29.66 2.11 5.15
N LEU B 17 28.40 1.79 4.87
CA LEU B 17 27.30 2.50 5.51
C LEU B 17 27.31 2.31 7.02
N ARG B 18 27.47 1.06 7.49
CA ARG B 18 27.43 0.83 8.93
C ARG B 18 28.60 1.49 9.63
N GLU B 19 29.78 1.45 9.01
CA GLU B 19 30.97 2.09 9.57
C GLU B 19 30.80 3.59 9.64
N GLN B 20 30.25 4.20 8.58
CA GLN B 20 30.00 5.65 8.59
C GLN B 20 29.02 6.02 9.69
N ALA B 21 28.04 5.16 9.95
CA ALA B 21 27.04 5.49 10.96
C ALA B 21 27.54 5.27 12.39
N THR B 22 28.31 4.20 12.63
CA THR B 22 28.74 3.84 13.98
C THR B 22 30.14 4.33 14.34
N GLY B 23 30.92 4.76 13.36
CA GLY B 23 32.28 5.18 13.60
C GLY B 23 33.28 4.07 13.86
N ALA B 24 32.85 2.81 13.80
CA ALA B 24 33.71 1.68 14.09
C ALA B 24 33.79 0.75 12.89
N LYS B 25 34.92 0.05 12.79
CA LYS B 25 35.13 -0.93 11.73
C LYS B 25 34.61 -2.29 12.17
N ASP B 26 34.10 -3.05 11.22
CA ASP B 26 33.62 -4.39 11.44
C ASP B 26 34.75 -5.37 11.10
N THR B 27 35.15 -6.18 12.07
CA THR B 27 36.26 -7.11 11.86
C THR B 27 35.84 -8.40 11.15
N LYS B 28 34.55 -8.52 10.80
CA LYS B 28 34.06 -9.73 10.16
C LYS B 28 34.90 -10.07 8.93
N PRO B 29 35.31 -11.32 8.76
CA PRO B 29 36.09 -11.68 7.57
C PRO B 29 35.29 -11.51 6.30
N MET B 30 35.99 -11.16 5.23
CA MET B 30 35.35 -10.98 3.94
C MET B 30 35.07 -12.34 3.32
N GLY B 31 34.21 -12.35 2.30
CA GLY B 31 33.98 -13.53 1.51
C GLY B 31 35.00 -13.65 0.40
N ARG B 32 34.57 -14.24 -0.71
CA ARG B 32 35.43 -14.32 -1.89
C ARG B 32 35.83 -12.93 -2.38
N SER B 33 36.97 -12.87 -3.09
CA SER B 33 37.52 -11.62 -3.59
C SER B 33 37.74 -10.61 -2.46
N GLY B 34 38.18 -11.13 -1.31
CA GLY B 34 38.32 -10.29 -0.13
C GLY B 34 39.34 -9.17 -0.29
N ALA B 35 40.46 -9.44 -0.96
CA ALA B 35 41.46 -8.40 -1.17
C ALA B 35 40.86 -7.19 -1.89
N THR B 36 40.11 -7.45 -2.97
CA THR B 36 39.49 -6.38 -3.72
C THR B 36 38.44 -5.66 -2.88
N SER B 37 37.61 -6.40 -2.14
CA SER B 37 36.58 -5.75 -1.32
C SER B 37 37.21 -4.85 -0.26
N ARG B 38 38.27 -5.32 0.41
CA ARG B 38 38.95 -4.48 1.39
C ARG B 38 39.48 -3.21 0.76
N LYS B 39 40.13 -3.32 -0.41
CA LYS B 39 40.62 -2.12 -1.09
C LYS B 39 39.47 -1.21 -1.51
N ALA B 40 38.33 -1.78 -1.88
CA ALA B 40 37.20 -0.96 -2.31
C ALA B 40 36.62 -0.20 -1.15
N LEU B 41 36.55 -0.84 0.04
CA LEU B 41 36.12 -0.16 1.26
C LEU B 41 37.08 0.95 1.66
N GLU B 42 38.40 0.71 1.57
CA GLU B 42 39.32 1.80 1.89
C GLU B 42 39.19 2.96 0.89
N THR B 43 39.03 2.62 -0.40
CA THR B 43 38.76 3.63 -1.41
C THR B 43 37.53 4.47 -1.05
N LEU B 44 36.43 3.81 -0.71
CA LEU B 44 35.22 4.52 -0.32
C LEU B 44 35.45 5.42 0.87
N ARG B 45 36.19 4.96 1.89
CA ARG B 45 36.54 5.87 2.98
C ARG B 45 37.11 7.17 2.42
N ARG B 46 38.24 7.03 1.70
CA ARG B 46 38.99 8.17 1.17
C ARG B 46 38.10 9.12 0.34
N VAL B 47 37.31 8.58 -0.58
CA VAL B 47 36.59 9.38 -1.56
C VAL B 47 35.23 9.84 -1.05
N GLY B 48 34.51 8.97 -0.33
CA GLY B 48 33.15 9.26 0.07
C GLY B 48 33.04 10.33 1.13
N ASP B 49 34.03 10.43 2.03
CA ASP B 49 33.99 11.57 2.95
C ASP B 49 33.95 12.90 2.17
N GLY B 50 34.85 13.04 1.20
CA GLY B 50 34.90 14.27 0.43
C GLY B 50 33.65 14.50 -0.39
N VAL B 51 33.09 13.43 -0.96
CA VAL B 51 31.87 13.59 -1.74
C VAL B 51 30.74 14.10 -0.85
N GLN B 52 30.61 13.53 0.36
CA GLN B 52 29.54 13.98 1.25
C GLN B 52 29.70 15.44 1.61
N ARG B 53 30.94 15.89 1.80
CA ARG B 53 31.13 17.30 2.16
C ARG B 53 30.90 18.20 0.96
N ASN B 54 31.24 17.76 -0.25
CA ASN B 54 31.07 18.63 -1.42
C ASN B 54 29.61 18.86 -1.76
N HIS B 55 28.77 17.85 -1.55
CA HIS B 55 27.37 17.90 -1.93
C HIS B 55 26.45 18.05 -0.71
N GLU B 56 26.97 18.64 0.38
CA GLU B 56 26.24 18.70 1.64
C GLU B 56 24.91 19.44 1.50
N THR B 57 24.88 20.57 0.80
CA THR B 57 23.62 21.29 0.64
C THR B 57 22.59 20.43 -0.11
N ALA B 58 23.00 19.85 -1.24
CA ALA B 58 22.09 19.01 -2.00
C ALA B 58 21.69 17.77 -1.22
N PHE B 59 22.65 17.17 -0.50
CA PHE B 59 22.38 15.98 0.30
C PHE B 59 21.38 16.28 1.41
N GLN B 60 21.59 17.38 2.14
CA GLN B 60 20.65 17.77 3.19
C GLN B 60 19.26 18.05 2.64
N GLY B 61 19.19 18.76 1.51
CA GLY B 61 17.89 19.06 0.93
C GLY B 61 17.14 17.79 0.55
N MET B 62 17.83 16.87 -0.14
CA MET B 62 17.21 15.60 -0.50
C MET B 62 16.80 14.82 0.74
N LEU B 63 17.69 14.73 1.74
CA LEU B 63 17.37 14.00 2.96
C LEU B 63 16.13 14.57 3.65
N ARG B 64 16.07 15.89 3.77
CA ARG B 64 14.90 16.51 4.39
C ARG B 64 13.62 16.22 3.60
N LYS B 65 13.71 16.24 2.27
CA LYS B 65 12.49 15.98 1.47
C LYS B 65 12.05 14.52 1.53
N LEU B 66 13.00 13.59 1.69
CA LEU B 66 12.65 12.17 1.76
C LEU B 66 11.88 11.80 3.03
N ASP B 67 12.03 12.58 4.10
CA ASP B 67 11.25 12.43 5.33
C ASP B 67 11.32 10.99 5.85
N ILE B 68 12.53 10.54 6.14
CA ILE B 68 12.80 9.15 6.48
C ILE B 68 12.66 8.97 7.99
N LYS B 69 11.75 8.08 8.40
CA LYS B 69 11.45 7.87 9.80
C LYS B 69 11.55 6.42 10.27
N ASN B 70 11.41 5.43 9.40
CA ASN B 70 11.32 4.04 9.83
C ASN B 70 11.61 3.13 8.64
N GLU B 71 11.47 1.82 8.88
CA GLU B 71 11.85 0.84 7.86
C GLU B 71 10.91 0.87 6.66
N ASP B 72 9.63 1.20 6.87
CA ASP B 72 8.71 1.32 5.74
C ASP B 72 9.16 2.40 4.75
N ASP B 73 9.60 3.55 5.26
CA ASP B 73 10.07 4.61 4.36
C ASP B 73 11.31 4.17 3.60
N VAL B 74 12.25 3.53 4.28
CA VAL B 74 13.43 2.97 3.61
C VAL B 74 13.00 2.03 2.50
N LYS B 75 12.01 1.17 2.76
CA LYS B 75 11.49 0.30 1.72
C LYS B 75 10.89 1.10 0.56
N SER B 76 10.44 2.33 0.81
CA SER B 76 9.92 3.17 -0.27
C SER B 76 10.98 3.98 -1.01
N LEU B 77 12.21 4.06 -0.49
CA LEU B 77 13.25 4.87 -1.14
C LEU B 77 13.69 4.36 -2.51
N SER B 78 13.35 3.11 -2.84
CA SER B 78 13.90 2.44 -4.01
C SER B 78 13.57 3.20 -5.30
N ARG B 79 12.32 3.66 -5.45
CA ARG B 79 11.93 4.26 -6.72
C ARG B 79 12.57 5.64 -6.91
N VAL B 80 12.68 6.41 -5.82
CA VAL B 80 13.43 7.67 -5.88
C VAL B 80 14.85 7.41 -6.33
N MET B 81 15.49 6.43 -5.69
CA MET B 81 16.88 6.13 -5.99
C MET B 81 17.04 5.76 -7.46
N ILE B 82 16.14 4.90 -7.96
CA ILE B 82 16.20 4.46 -9.35
C ILE B 82 16.00 5.63 -10.30
N HIS B 83 15.03 6.49 -10.03
CA HIS B 83 14.82 7.63 -10.90
C HIS B 83 16.06 8.51 -10.99
N VAL B 84 16.69 8.77 -9.85
CA VAL B 84 17.82 9.68 -9.86
C VAL B 84 19.06 9.02 -10.48
N PHE B 85 19.19 7.70 -10.36
CA PHE B 85 20.43 7.00 -10.74
C PHE B 85 20.37 6.33 -12.12
N SER B 86 19.19 6.10 -12.66
CA SER B 86 19.02 5.13 -13.75
C SER B 86 19.44 5.71 -15.10
N ASP B 87 18.94 6.88 -15.46
CA ASP B 87 19.09 7.36 -16.83
C ASP B 87 20.38 8.16 -17.00
N GLY B 88 20.84 8.24 -18.24
CA GLY B 88 22.05 8.98 -18.56
C GLY B 88 23.31 8.17 -18.43
N VAL B 89 24.45 8.86 -18.46
CA VAL B 89 25.75 8.19 -18.47
C VAL B 89 26.01 7.53 -17.12
N THR B 90 26.83 6.49 -17.14
CA THR B 90 27.27 5.80 -15.95
C THR B 90 28.78 5.92 -15.85
N ASN B 91 29.26 6.31 -14.68
CA ASN B 91 30.68 6.33 -14.41
C ASN B 91 30.88 6.05 -12.93
N TRP B 92 32.15 5.88 -12.53
CA TRP B 92 32.43 5.53 -11.14
C TRP B 92 32.10 6.67 -10.18
N GLY B 93 32.25 7.92 -10.62
CA GLY B 93 31.89 9.03 -9.76
C GLY B 93 30.41 9.03 -9.39
N ARG B 94 29.55 8.68 -10.34
CA ARG B 94 28.12 8.65 -10.05
C ARG B 94 27.80 7.54 -9.05
N ILE B 95 28.49 6.41 -9.19
CA ILE B 95 28.30 5.30 -8.26
C ILE B 95 28.78 5.68 -6.86
N VAL B 96 29.90 6.41 -6.80
CA VAL B 96 30.35 6.95 -5.52
C VAL B 96 29.31 7.91 -4.93
N THR B 97 28.66 8.74 -5.76
CA THR B 97 27.65 9.63 -5.19
C THR B 97 26.45 8.84 -4.65
N LEU B 98 26.03 7.79 -5.36
CA LEU B 98 24.98 6.90 -4.86
C LEU B 98 25.32 6.37 -3.47
N ILE B 99 26.52 5.79 -3.35
CA ILE B 99 26.89 5.15 -2.09
C ILE B 99 27.15 6.18 -0.99
N SER B 100 27.72 7.34 -1.35
CA SER B 100 27.99 8.39 -0.37
C SER B 100 26.69 9.00 0.17
N PHE B 101 25.70 9.22 -0.68
CA PHE B 101 24.40 9.60 -0.12
C PHE B 101 23.81 8.49 0.73
N GLY B 102 24.06 7.23 0.37
CA GLY B 102 23.66 6.13 1.24
C GLY B 102 24.25 6.27 2.65
N ALA B 103 25.54 6.62 2.72
CA ALA B 103 26.18 6.80 4.02
C ALA B 103 25.66 8.04 4.75
N PHE B 104 25.37 9.11 4.01
CA PHE B 104 24.72 10.29 4.60
C PHE B 104 23.39 9.90 5.26
N VAL B 105 22.59 9.11 4.55
CA VAL B 105 21.31 8.66 5.09
C VAL B 105 21.52 7.72 6.27
N ALA B 106 22.54 6.86 6.20
CA ALA B 106 22.81 5.93 7.30
C ALA B 106 23.15 6.66 8.59
N LYS B 107 23.92 7.75 8.47
CA LYS B 107 24.22 8.56 9.64
C LYS B 107 22.95 9.19 10.20
N HIS B 108 22.10 9.74 9.33
CA HIS B 108 20.80 10.23 9.80
C HIS B 108 20.03 9.13 10.54
N LEU B 109 20.01 7.92 9.97
CA LEU B 109 19.23 6.83 10.58
C LEU B 109 19.74 6.51 11.99
N LYS B 110 21.07 6.52 12.16
CA LYS B 110 21.66 6.39 13.50
C LYS B 110 21.15 7.49 14.43
N THR B 111 21.18 8.74 13.96
CA THR B 111 20.82 9.87 14.80
C THR B 111 19.38 9.75 15.33
N ILE B 112 18.47 9.20 14.54
CA ILE B 112 17.07 9.10 14.94
C ILE B 112 16.75 7.73 15.52
N ASN B 113 17.76 7.01 15.99
CA ASN B 113 17.56 5.73 16.67
C ASN B 113 16.86 4.72 15.76
N GLN B 114 17.17 4.77 14.47
CA GLN B 114 16.68 3.83 13.48
C GLN B 114 17.83 3.02 12.89
N GLU B 115 18.80 2.68 13.74
CA GLU B 115 19.96 1.87 13.33
C GLU B 115 19.56 0.63 12.56
N SER B 116 18.48 -0.03 12.99
CA SER B 116 18.07 -1.28 12.36
C SER B 116 17.83 -1.11 10.88
N CYS B 117 17.63 0.12 10.42
CA CYS B 117 17.30 0.38 9.03
C CYS B 117 18.52 0.39 8.12
N ILE B 118 19.73 0.35 8.68
CA ILE B 118 20.91 0.49 7.83
C ILE B 118 21.07 -0.69 6.89
N GLU B 119 20.85 -1.91 7.37
CA GLU B 119 21.06 -3.06 6.48
C GLU B 119 20.03 -3.08 5.34
N PRO B 120 18.73 -2.85 5.61
CA PRO B 120 17.78 -2.68 4.50
C PRO B 120 18.19 -1.59 3.52
N LEU B 121 18.71 -0.47 4.03
CA LEU B 121 19.17 0.58 3.14
C LEU B 121 20.27 0.06 2.23
N ALA B 122 21.31 -0.56 2.82
CA ALA B 122 22.37 -1.15 2.03
C ALA B 122 21.81 -2.14 1.00
N GLU B 123 20.87 -3.00 1.42
CA GLU B 123 20.33 -3.97 0.48
C GLU B 123 19.69 -3.25 -0.69
N SER B 124 18.90 -2.21 -0.39
CA SER B 124 18.18 -1.55 -1.46
C SER B 124 19.15 -0.89 -2.42
N ILE B 125 20.21 -0.28 -1.87
CA ILE B 125 21.19 0.39 -2.73
C ILE B 125 21.87 -0.65 -3.60
N THR B 126 22.27 -1.77 -3.00
CA THR B 126 22.97 -2.78 -3.77
C THR B 126 22.06 -3.29 -4.86
N ASP B 127 20.78 -3.50 -4.54
CA ASP B 127 19.86 -4.01 -5.53
C ASP B 127 19.77 -3.04 -6.69
N VAL B 128 19.64 -1.74 -6.38
CA VAL B 128 19.53 -0.77 -7.45
C VAL B 128 20.79 -0.78 -8.29
N LEU B 129 21.95 -0.82 -7.63
CA LEU B 129 23.19 -0.75 -8.37
C LEU B 129 23.32 -1.95 -9.30
N VAL B 130 22.94 -3.13 -8.82
CA VAL B 130 23.32 -4.29 -9.61
C VAL B 130 22.28 -4.55 -10.69
N ARG B 131 21.00 -4.26 -10.41
CA ARG B 131 19.98 -4.49 -11.42
C ARG B 131 20.13 -3.54 -12.60
N THR B 132 20.44 -2.26 -12.34
CA THR B 132 20.41 -1.30 -13.43
C THR B 132 21.78 -1.09 -14.09
N LYS B 133 22.88 -1.54 -13.48
CA LYS B 133 24.22 -1.29 -14.02
C LYS B 133 25.03 -2.57 -14.25
N ARG B 134 24.43 -3.75 -14.09
CA ARG B 134 25.11 -5.04 -14.23
C ARG B 134 26.06 -5.07 -15.42
N ASP B 135 25.53 -4.91 -16.64
CA ASP B 135 26.38 -4.99 -17.83
C ASP B 135 27.55 -4.03 -17.74
N TRP B 136 27.29 -2.77 -17.38
CA TRP B 136 28.38 -1.80 -17.25
C TRP B 136 29.39 -2.27 -16.21
N LEU B 137 28.89 -2.71 -15.05
CA LEU B 137 29.77 -3.20 -13.99
C LEU B 137 30.63 -4.33 -14.50
N VAL B 138 30.02 -5.25 -15.25
CA VAL B 138 30.80 -6.40 -15.69
C VAL B 138 31.80 -5.94 -16.74
N LYS B 139 31.43 -4.94 -17.54
CA LYS B 139 32.32 -4.43 -18.56
C LYS B 139 33.51 -3.70 -17.94
N GLN B 140 33.27 -3.00 -16.84
CA GLN B 140 34.30 -2.25 -16.14
C GLN B 140 35.11 -3.10 -15.17
N ARG B 141 34.93 -4.42 -15.19
CA ARG B 141 35.67 -5.35 -14.34
C ARG B 141 35.31 -5.19 -12.86
N GLY B 142 34.11 -4.72 -12.57
CA GLY B 142 33.57 -4.79 -11.22
C GLY B 142 34.36 -3.95 -10.22
N TRP B 143 34.46 -4.49 -9.01
CA TRP B 143 35.11 -3.74 -7.94
C TRP B 143 36.61 -3.59 -8.18
N ASP B 144 37.20 -4.49 -8.98
CA ASP B 144 38.58 -4.26 -9.42
C ASP B 144 38.69 -3.00 -10.25
N GLY B 145 37.74 -2.81 -11.19
CA GLY B 145 37.74 -1.58 -11.97
C GLY B 145 37.54 -0.35 -11.11
N PHE B 146 36.65 -0.44 -10.12
CA PHE B 146 36.46 0.65 -9.17
C PHE B 146 37.76 1.03 -8.47
N VAL B 147 38.42 0.03 -7.87
CA VAL B 147 39.68 0.24 -7.17
C VAL B 147 40.74 0.84 -8.10
N GLU B 148 40.82 0.31 -9.32
CA GLU B 148 41.85 0.80 -10.25
C GLU B 148 41.55 2.21 -10.71
N PHE B 149 40.27 2.57 -10.89
CA PHE B 149 39.90 3.91 -11.30
C PHE B 149 40.34 4.93 -10.27
N PHE B 150 40.07 4.66 -8.99
CA PHE B 150 40.49 5.66 -8.02
C PHE B 150 41.94 5.48 -7.57
N HIS B 151 42.49 4.27 -7.70
CA HIS B 151 43.85 3.89 -7.32
C HIS B 151 44.41 4.74 -6.18
N VAL B 152 43.75 4.66 -5.02
CA VAL B 152 44.21 5.38 -3.83
C VAL B 152 45.48 4.72 -3.29
N GLU B 153 46.32 5.53 -2.66
CA GLU B 153 47.56 5.03 -2.06
C GLU B 153 47.30 4.00 -0.96
N ASP C 3 -5.88 11.59 16.24
CA ASP C 3 -7.03 10.80 16.73
C ASP C 3 -7.30 9.56 15.84
N GLU C 4 -6.71 8.47 16.24
CA GLU C 4 -6.85 7.26 15.52
C GLU C 4 -8.28 6.65 15.60
N LEU C 5 -8.95 6.78 16.72
CA LEU C 5 -10.31 6.27 16.83
C LEU C 5 -11.19 7.05 15.83
N TYR C 6 -11.01 8.37 15.81
CA TYR C 6 -11.76 9.21 14.89
C TYR C 6 -11.51 8.78 13.45
N ARG C 7 -10.26 8.46 13.13
CA ARG C 7 -9.91 8.01 11.79
C ARG C 7 -10.57 6.73 11.36
N GLN C 8 -10.50 5.74 12.20
CA GLN C 8 -11.13 4.46 11.90
C GLN C 8 -12.64 4.57 11.86
N SER C 9 -13.24 5.26 12.84
CA SER C 9 -14.69 5.42 12.83
C SER C 9 -15.16 6.13 11.57
N LEU C 10 -14.43 7.15 11.11
CA LEU C 10 -14.86 7.89 9.93
C LEU C 10 -14.74 7.01 8.69
N GLU C 11 -13.64 6.26 8.56
CA GLU C 11 -13.53 5.25 7.50
C GLU C 11 -14.80 4.40 7.42
N ILE C 12 -15.20 3.83 8.56
CA ILE C 12 -16.35 2.91 8.61
C ILE C 12 -17.64 3.63 8.25
N ILE C 13 -17.95 4.70 8.98
CA ILE C 13 -19.23 5.39 8.83
C ILE C 13 -19.38 6.04 7.45
N SER C 14 -18.32 6.70 6.97
CA SER C 14 -18.32 7.24 5.61
C SER C 14 -18.64 6.16 4.58
N ARG C 15 -17.93 5.03 4.64
CA ARG C 15 -18.18 3.98 3.66
C ARG C 15 -19.62 3.49 3.75
N TYR C 16 -20.13 3.28 4.96
CA TYR C 16 -21.48 2.73 5.08
C TYR C 16 -22.52 3.72 4.54
N LEU C 17 -22.40 5.00 4.89
CA LEU C 17 -23.37 5.98 4.41
C LEU C 17 -23.35 6.07 2.89
N ARG C 18 -22.16 6.10 2.28
CA ARG C 18 -22.09 6.25 0.83
C ARG C 18 -22.58 5.01 0.12
N GLU C 19 -22.26 3.83 0.67
CA GLU C 19 -22.79 2.57 0.14
C GLU C 19 -24.31 2.54 0.23
N GLN C 20 -24.86 2.99 1.35
CA GLN C 20 -26.31 3.01 1.53
C GLN C 20 -26.98 3.95 0.53
N ALA C 21 -26.32 5.08 0.23
CA ALA C 21 -26.96 6.07 -0.63
C ALA C 21 -26.82 5.71 -2.10
N THR C 22 -25.67 5.19 -2.52
CA THR C 22 -25.45 4.89 -3.94
C THR C 22 -25.72 3.44 -4.30
N GLY C 23 -25.73 2.53 -3.34
CA GLY C 23 -25.96 1.13 -3.65
C GLY C 23 -24.74 0.36 -4.09
N ALA C 24 -23.57 1.01 -4.14
CA ALA C 24 -22.34 0.39 -4.61
C ALA C 24 -21.28 0.39 -3.52
N LYS C 25 -20.45 -0.64 -3.51
CA LYS C 25 -19.35 -0.71 -2.55
C LYS C 25 -18.15 0.07 -3.04
N ASP C 26 -17.39 0.61 -2.09
CA ASP C 26 -16.15 1.32 -2.41
C ASP C 26 -14.99 0.34 -2.34
N THR C 27 -14.23 0.25 -3.43
CA THR C 27 -13.12 -0.69 -3.53
C THR C 27 -11.81 -0.15 -2.97
N LYS C 28 -11.76 1.12 -2.57
CA LYS C 28 -10.51 1.71 -2.13
C LYS C 28 -10.04 1.09 -0.84
N PRO C 29 -8.76 0.74 -0.68
CA PRO C 29 -8.29 0.04 0.50
C PRO C 29 -8.46 0.88 1.76
N MET C 30 -8.35 0.21 2.90
CA MET C 30 -8.56 0.83 4.20
C MET C 30 -7.24 1.08 4.91
N GLY C 31 -7.30 1.95 5.93
CA GLY C 31 -6.12 2.34 6.68
C GLY C 31 -5.70 1.30 7.70
N ARG C 32 -5.00 1.75 8.74
CA ARG C 32 -4.66 0.88 9.85
C ARG C 32 -5.93 0.28 10.47
N SER C 33 -5.82 -0.95 10.96
CA SER C 33 -6.95 -1.67 11.55
C SER C 33 -8.05 -1.92 10.51
N GLY C 34 -7.64 -2.25 9.29
CA GLY C 34 -8.61 -2.44 8.22
C GLY C 34 -9.39 -3.74 8.31
N ALA C 35 -8.82 -4.79 8.92
CA ALA C 35 -9.56 -6.03 9.09
C ALA C 35 -10.78 -5.83 9.98
N THR C 36 -10.58 -5.17 11.11
CA THR C 36 -11.69 -4.82 11.99
C THR C 36 -12.65 -3.85 11.31
N SER C 37 -12.13 -2.92 10.50
CA SER C 37 -13.02 -1.95 9.87
C SER C 37 -13.89 -2.61 8.80
N ARG C 38 -13.33 -3.56 8.05
CA ARG C 38 -14.15 -4.31 7.10
C ARG C 38 -15.21 -5.13 7.83
N LYS C 39 -14.83 -5.79 8.94
CA LYS C 39 -15.84 -6.55 9.68
C LYS C 39 -16.92 -5.65 10.26
N ALA C 40 -16.55 -4.42 10.66
CA ALA C 40 -17.55 -3.50 11.19
C ALA C 40 -18.48 -3.02 10.08
N LEU C 41 -17.93 -2.75 8.90
CA LEU C 41 -18.76 -2.40 7.76
C LEU C 41 -19.73 -3.54 7.40
N GLU C 42 -19.22 -4.78 7.34
CA GLU C 42 -20.08 -5.93 7.07
C GLU C 42 -21.19 -6.05 8.10
N THR C 43 -20.86 -5.78 9.36
CA THR C 43 -21.84 -5.82 10.45
C THR C 43 -22.94 -4.77 10.22
N LEU C 44 -22.54 -3.55 9.87
CA LEU C 44 -23.50 -2.49 9.59
C LEU C 44 -24.38 -2.84 8.38
N ARG C 45 -23.78 -3.43 7.35
CA ARG C 45 -24.59 -3.95 6.24
C ARG C 45 -25.65 -4.91 6.75
N ARG C 46 -25.28 -5.77 7.69
CA ARG C 46 -26.22 -6.78 8.18
C ARG C 46 -27.37 -6.15 8.96
N VAL C 47 -27.07 -5.18 9.83
CA VAL C 47 -28.05 -4.75 10.84
C VAL C 47 -28.73 -3.41 10.49
N GLY C 48 -28.09 -2.53 9.72
CA GLY C 48 -28.57 -1.15 9.62
C GLY C 48 -29.90 -1.03 8.93
N ASP C 49 -30.14 -1.84 7.90
CA ASP C 49 -31.40 -1.74 7.18
C ASP C 49 -32.57 -2.19 8.04
N GLY C 50 -32.36 -3.22 8.87
CA GLY C 50 -33.39 -3.61 9.81
C GLY C 50 -33.68 -2.52 10.84
N VAL C 51 -32.62 -1.84 11.29
CA VAL C 51 -32.84 -0.71 12.20
C VAL C 51 -33.63 0.40 11.51
N GLN C 52 -33.31 0.67 10.25
CA GLN C 52 -34.03 1.71 9.51
C GLN C 52 -35.50 1.35 9.34
N ARG C 53 -35.80 0.08 9.03
CA ARG C 53 -37.17 -0.34 8.87
C ARG C 53 -37.94 -0.29 10.19
N ASN C 54 -37.28 -0.65 11.30
CA ASN C 54 -37.97 -0.66 12.59
C ASN C 54 -38.36 0.74 13.03
N HIS C 55 -37.56 1.74 12.70
CA HIS C 55 -37.77 3.10 13.16
C HIS C 55 -38.24 4.03 12.05
N GLU C 56 -38.89 3.47 11.01
CA GLU C 56 -39.13 4.24 9.80
C GLU C 56 -39.98 5.48 10.05
N THR C 57 -41.03 5.36 10.86
CA THR C 57 -41.89 6.53 11.11
C THR C 57 -41.13 7.60 11.87
N ALA C 58 -40.44 7.23 12.96
CA ALA C 58 -39.67 8.22 13.70
C ALA C 58 -38.58 8.84 12.83
N PHE C 59 -37.91 8.01 12.01
CA PHE C 59 -36.85 8.52 11.14
C PHE C 59 -37.41 9.52 10.14
N GLN C 60 -38.53 9.17 9.50
CA GLN C 60 -39.13 10.05 8.51
C GLN C 60 -39.57 11.38 9.13
N GLY C 61 -40.18 11.33 10.32
CA GLY C 61 -40.59 12.57 10.98
C GLY C 61 -39.42 13.45 11.36
N MET C 62 -38.35 12.83 11.89
CA MET C 62 -37.15 13.62 12.20
C MET C 62 -36.54 14.23 10.94
N LEU C 63 -36.45 13.45 9.85
CA LEU C 63 -35.89 13.98 8.61
C LEU C 63 -36.70 15.16 8.11
N ARG C 64 -38.03 15.03 8.10
CA ARG C 64 -38.85 16.14 7.63
C ARG C 64 -38.62 17.39 8.49
N LYS C 65 -38.63 17.22 9.82
CA LYS C 65 -38.45 18.37 10.71
C LYS C 65 -37.09 19.03 10.52
N LEU C 66 -36.04 18.23 10.25
CA LEU C 66 -34.69 18.78 10.12
C LEU C 66 -34.52 19.67 8.88
N ASP C 67 -35.32 19.45 7.83
CA ASP C 67 -35.29 20.27 6.61
C ASP C 67 -33.89 20.39 6.03
N ILE C 68 -33.34 19.26 5.58
CA ILE C 68 -31.97 19.19 5.08
C ILE C 68 -31.96 19.36 3.57
N LYS C 69 -31.36 20.45 3.10
CA LYS C 69 -31.35 20.79 1.68
C LYS C 69 -29.96 20.86 1.07
N ASN C 70 -28.91 21.11 1.85
CA ASN C 70 -27.62 21.46 1.31
C ASN C 70 -26.56 21.30 2.40
N GLU C 71 -25.31 21.63 2.04
CA GLU C 71 -24.19 21.38 2.95
C GLU C 71 -24.23 22.27 4.18
N ASP C 72 -24.74 23.50 4.05
CA ASP C 72 -24.92 24.35 5.22
C ASP C 72 -25.85 23.70 6.23
N ASP C 73 -26.99 23.21 5.75
CA ASP C 73 -27.92 22.49 6.62
C ASP C 73 -27.24 21.29 7.27
N VAL C 74 -26.52 20.47 6.48
CA VAL C 74 -25.84 19.31 7.05
C VAL C 74 -24.87 19.74 8.14
N LYS C 75 -24.13 20.82 7.90
CA LYS C 75 -23.19 21.30 8.89
C LYS C 75 -23.87 21.91 10.11
N SER C 76 -25.19 22.09 10.08
CA SER C 76 -25.91 22.57 11.25
C SER C 76 -26.45 21.45 12.15
N LEU C 77 -26.22 20.18 11.81
CA LEU C 77 -26.90 19.06 12.45
C LEU C 77 -26.23 18.57 13.73
N SER C 78 -24.99 18.97 13.97
CA SER C 78 -24.20 18.39 15.05
C SER C 78 -24.87 18.54 16.40
N ARG C 79 -25.48 19.69 16.66
CA ARG C 79 -25.99 19.97 18.02
C ARG C 79 -27.27 19.19 18.31
N VAL C 80 -28.12 18.99 17.31
CA VAL C 80 -29.29 18.11 17.51
C VAL C 80 -28.83 16.69 17.75
N MET C 81 -27.86 16.23 16.95
CA MET C 81 -27.27 14.92 17.15
C MET C 81 -26.78 14.75 18.59
N ILE C 82 -26.00 15.71 19.08
CA ILE C 82 -25.45 15.62 20.43
C ILE C 82 -26.57 15.56 21.46
N HIS C 83 -27.57 16.45 21.33
CA HIS C 83 -28.66 16.46 22.30
C HIS C 83 -29.39 15.12 22.33
N VAL C 84 -29.66 14.53 21.17
CA VAL C 84 -30.40 13.27 21.15
C VAL C 84 -29.55 12.10 21.63
N PHE C 85 -28.23 12.15 21.40
CA PHE C 85 -27.32 11.00 21.58
C PHE C 85 -26.59 10.98 22.92
N SER C 86 -26.61 12.08 23.68
CA SER C 86 -25.65 12.24 24.77
C SER C 86 -26.10 11.59 26.08
N ASP C 87 -27.34 11.77 26.48
CA ASP C 87 -27.66 11.40 27.85
C ASP C 87 -28.18 9.97 27.93
N GLY C 88 -28.09 9.40 29.13
CA GLY C 88 -28.64 8.09 29.41
C GLY C 88 -27.70 6.95 29.08
N VAL C 89 -28.29 5.76 29.00
CA VAL C 89 -27.53 4.55 28.74
C VAL C 89 -26.90 4.61 27.35
N THR C 90 -25.66 4.16 27.26
CA THR C 90 -24.98 3.91 25.99
C THR C 90 -24.82 2.41 25.80
N ASN C 91 -25.22 1.91 24.63
CA ASN C 91 -25.02 0.53 24.26
C ASN C 91 -24.80 0.48 22.76
N TRP C 92 -24.48 -0.71 22.23
CA TRP C 92 -24.19 -0.78 20.80
C TRP C 92 -25.43 -0.54 19.95
N GLY C 93 -26.62 -0.85 20.47
CA GLY C 93 -27.83 -0.58 19.72
C GLY C 93 -28.06 0.90 19.46
N ARG C 94 -27.77 1.73 20.47
CA ARG C 94 -27.91 3.18 20.30
C ARG C 94 -26.92 3.72 19.27
N ILE C 95 -25.70 3.19 19.27
CA ILE C 95 -24.71 3.59 18.27
C ILE C 95 -25.16 3.20 16.88
N VAL C 96 -25.75 2.00 16.75
CA VAL C 96 -26.27 1.58 15.47
C VAL C 96 -27.41 2.50 15.02
N THR C 97 -28.25 2.93 15.96
CA THR C 97 -29.33 3.84 15.60
C THR C 97 -28.77 5.17 15.08
N LEU C 98 -27.75 5.70 15.77
CA LEU C 98 -27.09 6.92 15.28
C LEU C 98 -26.62 6.74 13.84
N ILE C 99 -25.88 5.65 13.58
CA ILE C 99 -25.31 5.44 12.25
C ILE C 99 -26.42 5.16 11.22
N SER C 100 -27.44 4.39 11.61
CA SER C 100 -28.54 4.05 10.71
C SER C 100 -29.36 5.26 10.32
N PHE C 101 -29.59 6.20 11.26
CA PHE C 101 -30.23 7.43 10.84
C PHE C 101 -29.31 8.24 9.95
N GLY C 102 -28.00 8.19 10.18
CA GLY C 102 -27.08 8.78 9.22
C GLY C 102 -27.29 8.23 7.83
N ALA C 103 -27.46 6.92 7.72
CA ALA C 103 -27.66 6.30 6.40
C ALA C 103 -29.00 6.72 5.79
N PHE C 104 -30.04 6.80 6.62
CA PHE C 104 -31.35 7.31 6.18
C PHE C 104 -31.22 8.72 5.56
N VAL C 105 -30.51 9.60 6.27
CA VAL C 105 -30.27 10.95 5.76
C VAL C 105 -29.42 10.91 4.50
N ALA C 106 -28.47 9.98 4.42
CA ALA C 106 -27.61 9.90 3.22
C ALA C 106 -28.43 9.50 2.00
N LYS C 107 -29.37 8.56 2.16
CA LYS C 107 -30.29 8.27 1.07
C LYS C 107 -31.07 9.51 0.66
N HIS C 108 -31.61 10.24 1.64
CA HIS C 108 -32.30 11.49 1.32
C HIS C 108 -31.38 12.44 0.54
N LEU C 109 -30.13 12.56 0.97
CA LEU C 109 -29.19 13.46 0.28
C LEU C 109 -28.98 13.04 -1.17
N LYS C 110 -28.92 11.73 -1.42
CA LYS C 110 -28.79 11.26 -2.81
C LYS C 110 -30.05 11.58 -3.62
N THR C 111 -31.22 11.47 -3.00
CA THR C 111 -32.47 11.76 -3.70
C THR C 111 -32.51 13.20 -4.20
N ILE C 112 -32.02 14.16 -3.41
CA ILE C 112 -32.10 15.57 -3.76
C ILE C 112 -30.83 16.01 -4.50
N ASN C 113 -30.04 15.03 -4.96
CA ASN C 113 -28.85 15.29 -5.77
C ASN C 113 -27.76 16.04 -4.99
N GLN C 114 -27.57 15.65 -3.73
CA GLN C 114 -26.58 16.26 -2.85
C GLN C 114 -25.65 15.20 -2.28
N GLU C 115 -25.16 14.31 -3.15
CA GLU C 115 -24.18 13.30 -2.73
C GLU C 115 -22.95 13.94 -2.12
N SER C 116 -22.58 15.13 -2.58
CA SER C 116 -21.41 15.82 -2.04
C SER C 116 -21.55 16.12 -0.55
N CYS C 117 -22.77 16.08 0.00
CA CYS C 117 -22.98 16.34 1.41
C CYS C 117 -22.80 15.09 2.26
N ILE C 118 -22.59 13.92 1.65
CA ILE C 118 -22.52 12.70 2.44
C ILE C 118 -21.25 12.67 3.29
N GLU C 119 -20.13 13.18 2.76
CA GLU C 119 -18.88 13.14 3.55
C GLU C 119 -18.92 14.10 4.74
N PRO C 120 -19.42 15.34 4.59
CA PRO C 120 -19.62 16.19 5.79
C PRO C 120 -20.53 15.56 6.83
N LEU C 121 -21.64 14.96 6.38
CA LEU C 121 -22.53 14.23 7.28
C LEU C 121 -21.75 13.18 8.09
N ALA C 122 -21.02 12.30 7.39
CA ALA C 122 -20.22 11.28 8.07
C ALA C 122 -19.25 11.92 9.05
N GLU C 123 -18.56 12.99 8.64
CA GLU C 123 -17.62 13.63 9.54
C GLU C 123 -18.35 14.09 10.80
N SER C 124 -19.50 14.72 10.61
CA SER C 124 -20.25 15.21 11.76
C SER C 124 -20.62 14.06 12.68
N ILE C 125 -21.15 12.98 12.11
CA ILE C 125 -21.55 11.85 12.94
C ILE C 125 -20.33 11.32 13.67
N THR C 126 -19.21 11.18 12.96
CA THR C 126 -18.04 10.60 13.59
C THR C 126 -17.56 11.50 14.73
N ASP C 127 -17.56 12.82 14.50
CA ASP C 127 -17.13 13.73 15.54
C ASP C 127 -18.01 13.54 16.77
N VAL C 128 -19.32 13.52 16.55
CA VAL C 128 -20.22 13.39 17.68
C VAL C 128 -19.98 12.08 18.39
N LEU C 129 -19.74 11.02 17.61
CA LEU C 129 -19.58 9.71 18.23
C LEU C 129 -18.37 9.70 19.14
N VAL C 130 -17.27 10.32 18.69
CA VAL C 130 -16.03 10.13 19.43
C VAL C 130 -15.97 11.08 20.62
N ARG C 131 -16.50 12.29 20.46
CA ARG C 131 -16.43 13.28 21.51
C ARG C 131 -17.33 12.93 22.68
N THR C 132 -18.44 12.22 22.44
CA THR C 132 -19.39 11.95 23.51
C THR C 132 -19.29 10.54 24.08
N LYS C 133 -18.69 9.59 23.35
CA LYS C 133 -18.68 8.21 23.80
C LYS C 133 -17.28 7.61 23.92
N ARG C 134 -16.23 8.43 23.75
CA ARG C 134 -14.84 7.97 23.74
C ARG C 134 -14.56 6.94 24.82
N ASP C 135 -14.70 7.34 26.09
CA ASP C 135 -14.41 6.44 27.20
C ASP C 135 -15.16 5.13 27.07
N TRP C 136 -16.48 5.21 26.83
CA TRP C 136 -17.27 3.98 26.66
C TRP C 136 -16.68 3.13 25.54
N LEU C 137 -16.41 3.76 24.39
CA LEU C 137 -15.80 3.05 23.27
C LEU C 137 -14.51 2.36 23.71
N VAL C 138 -13.65 3.08 24.42
CA VAL C 138 -12.38 2.49 24.83
C VAL C 138 -12.62 1.29 25.73
N LYS C 139 -13.63 1.39 26.61
CA LYS C 139 -13.90 0.28 27.52
C LYS C 139 -14.37 -0.96 26.79
N GLN C 140 -15.05 -0.80 25.66
CA GLN C 140 -15.52 -1.91 24.85
C GLN C 140 -14.48 -2.39 23.84
N ARG C 141 -13.26 -1.85 23.88
CA ARG C 141 -12.25 -2.11 22.85
C ARG C 141 -12.72 -1.66 21.46
N GLY C 142 -13.60 -0.66 21.44
CA GLY C 142 -13.90 0.03 20.20
C GLY C 142 -14.60 -0.86 19.18
N TRP C 143 -14.15 -0.76 17.94
CA TRP C 143 -14.81 -1.48 16.87
C TRP C 143 -14.57 -2.99 16.94
N ASP C 144 -13.49 -3.42 17.60
CA ASP C 144 -13.37 -4.84 17.91
C ASP C 144 -14.54 -5.31 18.77
N GLY C 145 -14.89 -4.53 19.80
CA GLY C 145 -16.04 -4.87 20.62
C GLY C 145 -17.35 -4.86 19.85
N PHE C 146 -17.52 -3.88 18.96
CA PHE C 146 -18.70 -3.83 18.09
C PHE C 146 -18.85 -5.11 17.25
N VAL C 147 -17.78 -5.48 16.54
CA VAL C 147 -17.80 -6.69 15.71
C VAL C 147 -18.11 -7.92 16.57
N GLU C 148 -17.46 -8.04 17.74
CA GLU C 148 -17.70 -9.19 18.61
C GLU C 148 -19.16 -9.24 19.10
N PHE C 149 -19.70 -8.09 19.52
CA PHE C 149 -21.08 -8.07 20.00
C PHE C 149 -22.03 -8.58 18.93
N PHE C 150 -21.83 -8.18 17.68
CA PHE C 150 -22.80 -8.56 16.65
C PHE C 150 -22.42 -9.83 15.88
N HIS C 151 -21.39 -10.56 16.31
CA HIS C 151 -20.91 -11.68 15.51
C HIS C 151 -21.89 -12.84 15.50
N VAL C 152 -22.37 -13.19 14.30
CA VAL C 152 -23.21 -14.36 14.08
C VAL C 152 -22.57 -15.19 12.98
N ASP D 3 -5.35 -19.99 19.32
CA ASP D 3 -4.76 -19.46 18.10
C ASP D 3 -5.68 -19.52 16.91
N GLU D 4 -6.40 -18.44 16.69
CA GLU D 4 -7.34 -18.39 15.64
C GLU D 4 -6.69 -18.29 14.24
N LEU D 5 -5.56 -17.64 14.15
CA LEU D 5 -4.86 -17.55 12.91
C LEU D 5 -4.46 -18.99 12.52
N TYR D 6 -3.91 -19.71 13.45
CA TYR D 6 -3.52 -21.10 13.20
C TYR D 6 -4.69 -21.99 12.77
N ARG D 7 -5.77 -21.94 13.52
CA ARG D 7 -6.92 -22.77 13.17
C ARG D 7 -7.40 -22.49 11.76
N GLN D 8 -7.62 -21.21 11.43
CA GLN D 8 -8.11 -20.85 10.10
C GLN D 8 -7.11 -21.22 9.01
N SER D 9 -5.82 -20.94 9.23
CA SER D 9 -4.81 -21.25 8.24
C SER D 9 -4.77 -22.74 7.96
N LEU D 10 -4.85 -23.56 9.02
CA LEU D 10 -4.82 -25.00 8.84
C LEU D 10 -6.07 -25.48 8.11
N GLU D 11 -7.24 -24.91 8.41
CA GLU D 11 -8.43 -25.30 7.66
C GLU D 11 -8.26 -25.02 6.17
N ILE D 12 -7.82 -23.80 5.84
CA ILE D 12 -7.65 -23.41 4.43
C ILE D 12 -6.62 -24.30 3.75
N ILE D 13 -5.44 -24.45 4.35
CA ILE D 13 -4.32 -25.15 3.72
C ILE D 13 -4.63 -26.63 3.58
N SER D 14 -5.18 -27.26 4.63
CA SER D 14 -5.55 -28.66 4.55
C SER D 14 -6.59 -28.90 3.48
N ARG D 15 -7.60 -28.04 3.39
CA ARG D 15 -8.61 -28.23 2.35
C ARG D 15 -8.00 -28.10 0.97
N TYR D 16 -7.12 -27.11 0.76
CA TYR D 16 -6.51 -26.96 -0.54
C TYR D 16 -5.63 -28.16 -0.90
N LEU D 17 -4.83 -28.64 0.06
CA LEU D 17 -3.94 -29.75 -0.23
C LEU D 17 -4.73 -31.01 -0.56
N ARG D 18 -5.76 -31.30 0.23
CA ARG D 18 -6.58 -32.49 0.00
C ARG D 18 -7.34 -32.39 -1.31
N GLU D 19 -7.86 -31.21 -1.64
CA GLU D 19 -8.56 -31.01 -2.90
C GLU D 19 -7.62 -31.16 -4.09
N GLN D 20 -6.40 -30.62 -3.98
CA GLN D 20 -5.44 -30.78 -5.05
C GLN D 20 -5.06 -32.25 -5.24
N ALA D 21 -4.87 -32.98 -4.14
CA ALA D 21 -4.42 -34.36 -4.23
C ALA D 21 -5.52 -35.29 -4.72
N THR D 22 -6.78 -35.02 -4.36
CA THR D 22 -7.89 -35.94 -4.67
C THR D 22 -8.75 -35.48 -5.83
N GLY D 23 -8.67 -34.22 -6.23
CA GLY D 23 -9.52 -33.70 -7.29
C GLY D 23 -10.97 -33.51 -6.91
N ALA D 24 -11.32 -33.61 -5.63
CA ALA D 24 -12.70 -33.50 -5.17
C ALA D 24 -12.80 -32.42 -4.10
N LYS D 25 -13.87 -31.65 -4.15
CA LYS D 25 -14.13 -30.60 -3.17
C LYS D 25 -14.71 -31.18 -1.89
N ASP D 26 -14.33 -30.58 -0.77
CA ASP D 26 -14.92 -30.88 0.52
C ASP D 26 -16.21 -30.09 0.67
N THR D 27 -17.34 -30.79 0.86
CA THR D 27 -18.63 -30.13 0.94
C THR D 27 -19.03 -29.76 2.37
N LYS D 28 -18.23 -30.15 3.35
CA LYS D 28 -18.51 -29.78 4.72
C LYS D 28 -18.39 -28.24 4.87
N PRO D 29 -19.26 -27.65 5.69
CA PRO D 29 -19.12 -26.20 5.92
C PRO D 29 -17.87 -25.86 6.71
N MET D 30 -17.37 -24.64 6.51
CA MET D 30 -16.26 -24.12 7.29
C MET D 30 -16.71 -23.68 8.68
N SER D 33 -15.89 -18.33 10.65
CA SER D 33 -15.00 -17.60 9.76
C SER D 33 -15.12 -18.15 8.34
N GLY D 34 -16.30 -18.70 8.04
CA GLY D 34 -16.46 -19.47 6.81
C GLY D 34 -16.40 -18.65 5.54
N ALA D 35 -16.92 -17.42 5.57
CA ALA D 35 -16.92 -16.60 4.36
C ALA D 35 -15.49 -16.32 3.88
N THR D 36 -14.60 -15.92 4.80
CA THR D 36 -13.23 -15.61 4.43
C THR D 36 -12.46 -16.87 4.01
N SER D 37 -12.62 -17.99 4.73
CA SER D 37 -11.91 -19.21 4.32
C SER D 37 -12.42 -19.72 2.97
N ARG D 38 -13.74 -19.64 2.75
CA ARG D 38 -14.37 -19.70 1.44
C ARG D 38 -13.57 -18.99 0.37
N LYS D 39 -13.47 -17.66 0.52
CA LYS D 39 -12.82 -16.84 -0.49
C LYS D 39 -11.35 -17.19 -0.64
N ALA D 40 -10.68 -17.55 0.44
CA ALA D 40 -9.26 -17.85 0.38
C ALA D 40 -9.01 -19.18 -0.32
N LEU D 41 -9.84 -20.19 -0.04
CA LEU D 41 -9.75 -21.44 -0.78
C LEU D 41 -9.97 -21.20 -2.26
N GLU D 42 -10.96 -20.37 -2.60
CA GLU D 42 -11.19 -20.05 -4.00
C GLU D 42 -9.99 -19.34 -4.63
N THR D 43 -9.36 -18.43 -3.89
CA THR D 43 -8.21 -17.71 -4.40
C THR D 43 -7.04 -18.65 -4.67
N LEU D 44 -6.76 -19.55 -3.72
CA LEU D 44 -5.74 -20.57 -3.94
C LEU D 44 -6.07 -21.43 -5.14
N ARG D 45 -7.37 -21.73 -5.35
CA ARG D 45 -7.77 -22.40 -6.59
C ARG D 45 -7.35 -21.59 -7.80
N ARG D 46 -7.50 -20.27 -7.72
CA ARG D 46 -7.26 -19.43 -8.89
C ARG D 46 -5.77 -19.33 -9.23
N VAL D 47 -4.90 -19.41 -8.22
CA VAL D 47 -3.48 -19.07 -8.43
C VAL D 47 -2.54 -20.27 -8.30
N GLY D 48 -2.85 -21.29 -7.51
CA GLY D 48 -1.85 -22.28 -7.16
C GLY D 48 -1.47 -23.20 -8.30
N ASP D 49 -2.43 -23.54 -9.17
CA ASP D 49 -2.11 -24.40 -10.30
C ASP D 49 -1.19 -23.69 -11.27
N GLY D 50 -1.41 -22.39 -11.50
CA GLY D 50 -0.49 -21.63 -12.32
C GLY D 50 0.91 -21.60 -11.73
N VAL D 51 1.00 -21.46 -10.41
CA VAL D 51 2.32 -21.47 -9.76
C VAL D 51 3.00 -22.83 -9.92
N GLN D 52 2.25 -23.92 -9.70
CA GLN D 52 2.81 -25.26 -9.84
C GLN D 52 3.27 -25.51 -11.27
N ARG D 53 2.54 -24.99 -12.27
CA ARG D 53 2.92 -25.25 -13.65
C ARG D 53 4.16 -24.46 -14.01
N ASN D 54 4.20 -23.18 -13.66
CA ASN D 54 5.32 -22.37 -14.10
C ASN D 54 6.61 -22.73 -13.37
N HIS D 55 6.52 -23.36 -12.19
CA HIS D 55 7.69 -23.80 -11.43
C HIS D 55 7.86 -25.32 -11.45
N GLU D 56 7.32 -25.98 -12.48
CA GLU D 56 7.25 -27.44 -12.52
C GLU D 56 8.62 -28.10 -12.37
N THR D 57 9.62 -27.64 -13.13
CA THR D 57 10.94 -28.27 -13.06
C THR D 57 11.55 -28.14 -11.67
N ALA D 58 11.56 -26.92 -11.11
CA ALA D 58 12.11 -26.71 -9.77
C ALA D 58 11.36 -27.52 -8.72
N PHE D 59 10.03 -27.53 -8.80
CA PHE D 59 9.22 -28.31 -7.87
C PHE D 59 9.57 -29.79 -7.96
N GLN D 60 9.69 -30.29 -9.18
CA GLN D 60 10.07 -31.68 -9.45
C GLN D 60 11.44 -32.02 -8.84
N GLY D 61 12.42 -31.17 -9.07
CA GLY D 61 13.76 -31.45 -8.55
C GLY D 61 13.80 -31.41 -7.03
N MET D 62 13.13 -30.43 -6.44
CA MET D 62 13.04 -30.37 -4.98
C MET D 62 12.37 -31.61 -4.41
N LEU D 63 11.23 -32.00 -5.00
CA LEU D 63 10.53 -33.18 -4.48
C LEU D 63 11.40 -34.42 -4.59
N ARG D 64 12.08 -34.60 -5.73
CA ARG D 64 12.96 -35.77 -5.88
C ARG D 64 14.05 -35.78 -4.82
N LYS D 65 14.62 -34.61 -4.51
CA LYS D 65 15.68 -34.55 -3.50
C LYS D 65 15.15 -34.76 -2.09
N LEU D 66 13.89 -34.38 -1.83
CA LEU D 66 13.31 -34.59 -0.51
C LEU D 66 13.03 -36.06 -0.23
N ASP D 67 12.84 -36.88 -1.26
CA ASP D 67 12.73 -38.33 -1.12
C ASP D 67 11.70 -38.72 -0.05
N ILE D 68 10.44 -38.35 -0.31
CA ILE D 68 9.37 -38.47 0.66
C ILE D 68 8.60 -39.76 0.38
N LYS D 69 8.61 -40.68 1.36
CA LYS D 69 8.02 -42.00 1.19
C LYS D 69 6.98 -42.36 2.26
N ASN D 70 6.91 -41.63 3.37
CA ASN D 70 6.11 -42.07 4.50
C ASN D 70 5.96 -40.88 5.46
N GLU D 71 5.30 -41.14 6.60
CA GLU D 71 5.02 -40.06 7.54
C GLU D 71 6.28 -39.59 8.26
N ASP D 72 7.25 -40.48 8.52
CA ASP D 72 8.49 -40.04 9.15
C ASP D 72 9.21 -38.99 8.30
N ASP D 73 9.30 -39.24 6.99
CA ASP D 73 9.88 -38.26 6.08
C ASP D 73 9.11 -36.95 6.11
N VAL D 74 7.77 -37.02 6.08
CA VAL D 74 6.96 -35.80 6.09
C VAL D 74 7.20 -35.02 7.38
N LYS D 75 7.24 -35.73 8.50
CA LYS D 75 7.47 -35.09 9.78
C LYS D 75 8.87 -34.51 9.90
N SER D 76 9.78 -34.87 9.01
CA SER D 76 11.12 -34.29 9.01
C SER D 76 11.30 -33.12 8.04
N LEU D 77 10.22 -32.62 7.43
CA LEU D 77 10.33 -31.58 6.40
C LEU D 77 10.42 -30.18 6.99
N SER D 78 10.02 -30.00 8.25
CA SER D 78 9.92 -28.68 8.85
C SER D 78 11.18 -27.83 8.65
N ARG D 79 12.36 -28.40 8.93
CA ARG D 79 13.58 -27.58 8.95
C ARG D 79 13.96 -27.07 7.56
N VAL D 80 13.78 -27.88 6.51
CA VAL D 80 14.13 -27.39 5.18
C VAL D 80 13.10 -26.39 4.69
N MET D 81 11.84 -26.58 5.07
CA MET D 81 10.81 -25.58 4.78
C MET D 81 11.16 -24.23 5.40
N ILE D 82 11.53 -24.24 6.68
CA ILE D 82 11.93 -23.01 7.35
C ILE D 82 13.14 -22.40 6.66
N HIS D 83 14.09 -23.23 6.23
CA HIS D 83 15.28 -22.71 5.56
C HIS D 83 14.91 -22.00 4.26
N VAL D 84 14.02 -22.58 3.46
CA VAL D 84 13.73 -21.96 2.17
C VAL D 84 12.79 -20.76 2.34
N PHE D 85 11.95 -20.76 3.37
CA PHE D 85 10.86 -19.81 3.47
C PHE D 85 11.14 -18.61 4.36
N SER D 86 12.04 -18.74 5.35
CA SER D 86 12.04 -17.82 6.49
C SER D 86 12.77 -16.53 6.25
N ASP D 87 13.88 -16.53 5.52
CA ASP D 87 14.66 -15.32 5.37
C ASP D 87 14.21 -14.51 4.15
N GLY D 88 14.52 -13.22 4.18
CA GLY D 88 14.21 -12.34 3.08
C GLY D 88 12.84 -11.72 3.21
N VAL D 89 12.41 -11.09 2.12
CA VAL D 89 11.13 -10.39 2.12
C VAL D 89 10.00 -11.40 2.24
N THR D 90 8.90 -10.94 2.83
CA THR D 90 7.66 -11.69 2.86
C THR D 90 6.63 -10.95 2.01
N ASN D 91 5.92 -11.68 1.16
CA ASN D 91 4.78 -11.14 0.46
C ASN D 91 3.81 -12.28 0.22
N TRP D 92 2.62 -11.95 -0.28
CA TRP D 92 1.62 -12.99 -0.46
C TRP D 92 2.04 -13.98 -1.55
N GLY D 93 2.78 -13.53 -2.56
CA GLY D 93 3.23 -14.45 -3.60
C GLY D 93 4.13 -15.56 -3.08
N ARG D 94 5.05 -15.21 -2.17
CA ARG D 94 5.90 -16.23 -1.55
C ARG D 94 5.07 -17.22 -0.74
N ILE D 95 4.04 -16.75 -0.03
CA ILE D 95 3.19 -17.64 0.74
C ILE D 95 2.40 -18.56 -0.18
N VAL D 96 1.97 -18.03 -1.33
CA VAL D 96 1.31 -18.88 -2.31
C VAL D 96 2.28 -19.95 -2.82
N THR D 97 3.56 -19.60 -3.00
CA THR D 97 4.51 -20.62 -3.45
C THR D 97 4.71 -21.69 -2.37
N LEU D 98 4.76 -21.29 -1.10
CA LEU D 98 4.83 -22.26 -0.01
C LEU D 98 3.68 -23.26 -0.07
N ILE D 99 2.44 -22.74 -0.18
CA ILE D 99 1.27 -23.61 -0.18
C ILE D 99 1.19 -24.43 -1.47
N SER D 100 1.58 -23.83 -2.61
CA SER D 100 1.51 -24.52 -3.90
C SER D 100 2.48 -25.71 -3.93
N PHE D 101 3.70 -25.54 -3.42
CA PHE D 101 4.56 -26.71 -3.30
C PHE D 101 3.99 -27.70 -2.30
N GLY D 102 3.30 -27.21 -1.24
CA GLY D 102 2.53 -28.12 -0.40
C GLY D 102 1.59 -28.99 -1.21
N ALA D 103 0.86 -28.37 -2.13
CA ALA D 103 -0.09 -29.13 -2.95
C ALA D 103 0.63 -30.10 -3.86
N PHE D 104 1.75 -29.67 -4.45
CA PHE D 104 2.56 -30.56 -5.29
C PHE D 104 3.00 -31.80 -4.51
N VAL D 105 3.46 -31.59 -3.27
CA VAL D 105 3.85 -32.71 -2.42
C VAL D 105 2.64 -33.57 -2.08
N ALA D 106 1.48 -32.96 -1.83
CA ALA D 106 0.28 -33.72 -1.50
C ALA D 106 -0.15 -34.61 -2.66
N LYS D 107 -0.05 -34.10 -3.89
CA LYS D 107 -0.33 -34.91 -5.07
C LYS D 107 0.62 -36.11 -5.13
N HIS D 108 1.90 -35.86 -4.87
CA HIS D 108 2.86 -36.97 -4.80
C HIS D 108 2.47 -37.98 -3.73
N LEU D 109 2.06 -37.51 -2.55
CA LEU D 109 1.66 -38.41 -1.48
C LEU D 109 0.49 -39.29 -1.92
N LYS D 110 -0.49 -38.69 -2.59
CA LYS D 110 -1.61 -39.47 -3.11
C LYS D 110 -1.13 -40.52 -4.09
N THR D 111 -0.19 -40.16 -4.97
CA THR D 111 0.28 -41.09 -5.98
C THR D 111 0.98 -42.30 -5.38
N ILE D 112 1.65 -42.14 -4.24
CA ILE D 112 2.37 -43.23 -3.62
C ILE D 112 1.59 -43.87 -2.46
N ASN D 113 0.26 -43.70 -2.45
CA ASN D 113 -0.61 -44.38 -1.49
C ASN D 113 -0.33 -43.93 -0.05
N GLN D 114 -0.02 -42.65 0.11
CA GLN D 114 0.27 -42.08 1.43
C GLN D 114 -0.65 -40.91 1.74
N GLU D 115 -1.94 -41.08 1.44
CA GLU D 115 -2.90 -40.00 1.63
C GLU D 115 -2.95 -39.55 3.09
N SER D 116 -2.81 -40.50 4.02
CA SER D 116 -2.83 -40.20 5.44
C SER D 116 -1.75 -39.22 5.85
N CYS D 117 -0.78 -38.98 4.98
CA CYS D 117 0.33 -38.09 5.30
C CYS D 117 0.00 -36.65 4.96
N ILE D 118 -1.12 -36.40 4.28
CA ILE D 118 -1.42 -35.05 3.81
C ILE D 118 -1.80 -34.13 4.97
N GLU D 119 -2.51 -34.64 5.97
CA GLU D 119 -2.84 -33.79 7.12
C GLU D 119 -1.59 -33.39 7.93
N PRO D 120 -0.67 -34.31 8.28
CA PRO D 120 0.60 -33.87 8.89
C PRO D 120 1.34 -32.81 8.08
N LEU D 121 1.43 -33.02 6.76
CA LEU D 121 2.04 -32.03 5.88
C LEU D 121 1.39 -30.65 6.03
N ALA D 122 0.05 -30.60 5.96
CA ALA D 122 -0.63 -29.33 6.14
C ALA D 122 -0.30 -28.73 7.50
N GLU D 123 -0.34 -29.56 8.56
CA GLU D 123 -0.01 -29.05 9.88
C GLU D 123 1.40 -28.47 9.88
N SER D 124 2.34 -29.19 9.27
CA SER D 124 3.71 -28.72 9.27
C SER D 124 3.79 -27.39 8.54
N ILE D 125 3.15 -27.31 7.38
CA ILE D 125 3.15 -26.05 6.64
C ILE D 125 2.54 -24.96 7.49
N THR D 126 1.41 -25.25 8.12
CA THR D 126 0.74 -24.20 8.87
C THR D 126 1.61 -23.75 10.04
N ASP D 127 2.29 -24.70 10.69
CA ASP D 127 3.16 -24.31 11.80
C ASP D 127 4.21 -23.34 11.28
N VAL D 128 4.85 -23.71 10.17
CA VAL D 128 5.93 -22.88 9.64
C VAL D 128 5.38 -21.51 9.27
N LEU D 129 4.18 -21.47 8.68
CA LEU D 129 3.66 -20.20 8.23
C LEU D 129 3.36 -19.30 9.42
N VAL D 130 2.79 -19.86 10.48
CA VAL D 130 2.34 -18.96 11.52
C VAL D 130 3.46 -18.66 12.51
N ARG D 131 4.38 -19.60 12.71
CA ARG D 131 5.48 -19.35 13.63
C ARG D 131 6.44 -18.32 13.06
N THR D 132 6.75 -18.40 11.77
CA THR D 132 7.76 -17.53 11.20
C THR D 132 7.20 -16.20 10.70
N LYS D 133 5.91 -16.10 10.37
CA LYS D 133 5.36 -14.89 9.76
C LYS D 133 4.21 -14.23 10.53
N ARG D 134 3.92 -14.68 11.76
CA ARG D 134 2.79 -14.20 12.55
C ARG D 134 2.58 -12.69 12.45
N ASP D 135 3.59 -11.92 12.88
CA ASP D 135 3.46 -10.46 12.88
C ASP D 135 3.08 -9.94 11.50
N TRP D 136 3.82 -10.37 10.47
CA TRP D 136 3.49 -9.96 9.11
C TRP D 136 2.04 -10.30 8.78
N LEU D 137 1.64 -11.54 9.10
CA LEU D 137 0.27 -11.96 8.84
C LEU D 137 -0.72 -11.05 9.53
N VAL D 138 -0.43 -10.66 10.79
CA VAL D 138 -1.36 -9.82 11.50
C VAL D 138 -1.39 -8.42 10.89
N LYS D 139 -0.22 -7.95 10.44
CA LYS D 139 -0.18 -6.58 9.93
C LYS D 139 -0.82 -6.50 8.55
N GLN D 140 -0.88 -7.62 7.83
CA GLN D 140 -1.46 -7.68 6.50
C GLN D 140 -2.94 -8.07 6.51
N ARG D 141 -3.55 -8.13 7.69
CA ARG D 141 -4.97 -8.44 7.85
C ARG D 141 -5.27 -9.91 7.57
N GLY D 142 -4.29 -10.79 7.77
CA GLY D 142 -4.49 -12.22 7.62
C GLY D 142 -5.16 -12.62 6.32
N TRP D 143 -6.11 -13.55 6.44
CA TRP D 143 -6.70 -14.16 5.25
C TRP D 143 -7.64 -13.23 4.51
N ASP D 144 -8.27 -12.29 5.21
CA ASP D 144 -8.99 -11.22 4.52
C ASP D 144 -8.04 -10.40 3.66
N GLY D 145 -6.84 -10.09 4.19
CA GLY D 145 -5.85 -9.39 3.40
C GLY D 145 -5.36 -10.19 2.21
N PHE D 146 -5.24 -11.51 2.38
CA PHE D 146 -4.91 -12.39 1.26
C PHE D 146 -5.95 -12.31 0.15
N VAL D 147 -7.22 -12.52 0.53
CA VAL D 147 -8.33 -12.46 -0.42
C VAL D 147 -8.37 -11.10 -1.12
N GLU D 148 -8.14 -10.04 -0.41
CA GLU D 148 -8.18 -8.72 -1.00
C GLU D 148 -7.02 -8.41 -1.93
N PHE D 149 -5.86 -8.89 -1.53
CA PHE D 149 -4.65 -8.68 -2.31
C PHE D 149 -4.81 -9.25 -3.70
N PHE D 150 -5.42 -10.40 -3.82
CA PHE D 150 -5.66 -10.99 -5.10
C PHE D 150 -7.01 -10.64 -5.73
N HIS D 151 -7.96 -10.13 -4.95
CA HIS D 151 -9.31 -9.77 -5.41
C HIS D 151 -9.82 -10.48 -6.62
N VAL D 152 -9.95 -11.78 -6.49
CA VAL D 152 -10.42 -12.58 -7.57
C VAL D 152 -11.75 -12.03 -8.09
#